data_7SSC
#
_entry.id   7SSC
#
_cell.length_a   66.879
_cell.length_b   74.669
_cell.length_c   104.880
_cell.angle_alpha   90.000
_cell.angle_beta   90.000
_cell.angle_gamma   90.000
#
_symmetry.space_group_name_H-M   'P 21 21 21'
#
loop_
_entity.id
_entity.type
_entity.pdbx_description
1 polymer 'TRL345-I8 Fab heavy chain'
2 polymer 'TRL345-I8 Fab light chain'
3 polymer 'Envelope glycoprotein B peptide'
4 non-polymer GLYCEROL
5 water water
#
loop_
_entity_poly.entity_id
_entity_poly.type
_entity_poly.pdbx_seq_one_letter_code
_entity_poly.pdbx_strand_id
1 'polypeptide(L)'
;QVQLVESGGGVVQPGRSLRLSCAASGFTFSSYNMHWVRQAPGKGLEWVAVISNDGSNKYYADSVKGRFTISRDNSKNTLY
LQMNSLRAEDTAVYYCARDGRSVGGFSGILDPWGQGTLVTVSSASTKGPSVFPLAPSSKSTSGGTAALGCLVKDYFPEPV
TVSWNSGALTSGVHTFPAVLQSSGLYSLSSVVTVPSSSLGTQTYICNVNHKPSNTKVDKKVEP
;
H
2 'polypeptide(L)'
;EIVLTQSPATLSLSPGERATLSCRASQSVGSYLAWYQQKPGQAPRLLIYDASDRATGIPARFSGSGSGTDFTLTISSLEP
EDFAVYYCQQRSNWPPLTFGGGTKVEIKRTVAAPSVFIFPPSDEQLKSGTASVVCLLNNFYPREAKVQWKVDNALQSGNS
QESVTEQDSKDSTYSLSSTLTLSKADYEKHKVYACEVTHQGLSSPVTKSFNRGE
;
L
3 'polypeptide(L)' HRANETIYNTTLKYG P
#
# COMPACT_ATOMS: atom_id res chain seq x y z
N GLN A 1 -6.99 -22.93 -14.40
CA GLN A 1 -8.10 -22.13 -14.88
C GLN A 1 -9.06 -21.74 -13.75
N VAL A 2 -8.66 -22.05 -12.51
CA VAL A 2 -9.42 -21.58 -11.36
C VAL A 2 -9.30 -20.06 -11.28
N GLN A 3 -10.44 -19.38 -11.25
CA GLN A 3 -10.44 -17.92 -11.25
C GLN A 3 -11.50 -17.41 -10.29
N LEU A 4 -11.16 -16.34 -9.57
CA LEU A 4 -12.07 -15.64 -8.66
C LEU A 4 -12.00 -14.17 -9.00
N VAL A 5 -13.17 -13.53 -9.16
CA VAL A 5 -13.24 -12.13 -9.61
C VAL A 5 -14.20 -11.39 -8.69
N GLU A 6 -13.65 -10.51 -7.86
CA GLU A 6 -14.47 -9.69 -6.95
C GLU A 6 -15.03 -8.48 -7.67
N SER A 7 -16.20 -8.05 -7.23
CA SER A 7 -16.77 -6.81 -7.74
C SER A 7 -17.61 -6.16 -6.66
N GLY A 8 -18.00 -4.91 -6.91
CA GLY A 8 -18.90 -4.18 -6.02
C GLY A 8 -18.25 -3.09 -5.20
N GLY A 9 -16.92 -3.05 -5.15
CA GLY A 9 -16.26 -2.04 -4.35
C GLY A 9 -16.53 -0.63 -4.84
N GLY A 10 -16.51 0.31 -3.90
CA GLY A 10 -16.74 1.70 -4.25
C GLY A 10 -16.75 2.55 -3.00
N VAL A 11 -17.16 3.80 -3.17
CA VAL A 11 -17.30 4.72 -2.04
C VAL A 11 -18.64 4.51 -1.36
N VAL A 12 -18.62 4.39 -0.04
CA VAL A 12 -19.83 4.20 0.75
C VAL A 12 -19.72 5.07 1.99
N GLN A 13 -20.83 5.70 2.37
CA GLN A 13 -20.81 6.59 3.52
C GLN A 13 -20.78 5.81 4.82
N PRO A 14 -20.11 6.34 5.85
CA PRO A 14 -20.15 5.71 7.18
C PRO A 14 -21.57 5.44 7.62
N GLY A 15 -21.80 4.24 8.15
CA GLY A 15 -23.11 3.85 8.62
C GLY A 15 -24.01 3.24 7.57
N ARG A 16 -23.64 3.32 6.29
CA ARG A 16 -24.45 2.76 5.23
C ARG A 16 -23.94 1.35 4.87
N SER A 17 -24.51 0.78 3.83
CA SER A 17 -24.32 -0.62 3.49
C SER A 17 -23.76 -0.78 2.09
N LEU A 18 -23.12 -1.92 1.86
CA LEU A 18 -22.57 -2.27 0.55
C LEU A 18 -22.45 -3.78 0.48
N ARG A 19 -22.74 -4.36 -0.68
CA ARG A 19 -22.61 -5.80 -0.89
C ARG A 19 -21.53 -6.05 -1.94
N LEU A 20 -20.56 -6.89 -1.58
CA LEU A 20 -19.54 -7.34 -2.51
C LEU A 20 -19.92 -8.70 -3.08
N SER A 21 -19.43 -8.97 -4.30
CA SER A 21 -19.62 -10.24 -4.97
C SER A 21 -18.27 -10.82 -5.36
N CYS A 22 -18.20 -12.14 -5.42
CA CYS A 22 -17.02 -12.85 -5.92
C CYS A 22 -17.52 -13.94 -6.85
N ALA A 23 -17.19 -13.83 -8.15
CA ALA A 23 -17.64 -14.78 -9.15
C ALA A 23 -16.56 -15.83 -9.37
N ALA A 24 -16.93 -17.09 -9.22
CA ALA A 24 -15.98 -18.20 -9.30
C ALA A 24 -16.13 -18.91 -10.64
N SER A 25 -15.01 -19.34 -11.21
CA SER A 25 -15.04 -20.14 -12.42
C SER A 25 -13.87 -21.10 -12.43
N GLY A 26 -14.00 -22.15 -13.24
CA GLY A 26 -12.92 -23.10 -13.42
C GLY A 26 -12.86 -24.21 -12.40
N PHE A 27 -13.85 -24.30 -11.50
CA PHE A 27 -13.89 -25.37 -10.50
C PHE A 27 -15.34 -25.52 -10.05
N THR A 28 -15.60 -26.59 -9.31
CA THR A 28 -16.93 -26.88 -8.78
C THR A 28 -17.12 -26.06 -7.51
N PHE A 29 -17.72 -24.88 -7.68
CA PHE A 29 -17.82 -23.90 -6.60
C PHE A 29 -18.51 -24.48 -5.38
N SER A 30 -19.58 -25.25 -5.58
CA SER A 30 -20.35 -25.80 -4.46
C SER A 30 -19.57 -26.80 -3.63
N SER A 31 -18.41 -27.26 -4.10
CA SER A 31 -17.61 -28.22 -3.33
C SER A 31 -16.68 -27.56 -2.32
N TYR A 32 -16.48 -26.24 -2.40
CA TYR A 32 -15.44 -25.56 -1.63
C TYR A 32 -16.02 -24.57 -0.63
N ASN A 33 -15.41 -24.52 0.55
CA ASN A 33 -15.64 -23.39 1.44
C ASN A 33 -14.93 -22.17 0.86
N MET A 34 -15.37 -20.98 1.26
CA MET A 34 -14.86 -19.72 0.71
C MET A 34 -14.63 -18.71 1.83
N HIS A 35 -13.58 -17.89 1.65
CA HIS A 35 -13.20 -16.87 2.61
C HIS A 35 -13.28 -15.48 2.01
N TRP A 36 -13.43 -14.48 2.88
CA TRP A 36 -13.08 -13.10 2.58
C TRP A 36 -11.91 -12.68 3.47
N VAL A 37 -10.97 -11.95 2.90
CA VAL A 37 -9.82 -11.38 3.59
C VAL A 37 -9.70 -9.95 3.11
N ARG A 38 -9.25 -9.05 3.99
CA ARG A 38 -9.11 -7.66 3.58
C ARG A 38 -7.74 -7.10 3.91
N GLN A 39 -7.39 -6.01 3.22
CA GLN A 39 -6.08 -5.37 3.35
C GLN A 39 -6.29 -3.86 3.29
N ALA A 40 -6.20 -3.21 4.46
CA ALA A 40 -6.30 -1.76 4.50
C ALA A 40 -5.10 -1.14 3.77
N PRO A 41 -5.24 0.08 3.24
CA PRO A 41 -4.14 0.71 2.50
C PRO A 41 -2.83 0.73 3.28
N GLY A 42 -1.80 0.14 2.69
CA GLY A 42 -0.48 0.10 3.32
C GLY A 42 -0.36 -0.85 4.49
N LYS A 43 -1.35 -1.69 4.76
CA LYS A 43 -1.35 -2.55 5.93
C LYS A 43 -1.25 -4.02 5.52
N GLY A 44 -1.36 -4.89 6.52
CA GLY A 44 -1.27 -6.32 6.31
C GLY A 44 -2.59 -6.96 5.98
N LEU A 45 -2.62 -8.28 6.11
CA LEU A 45 -3.80 -9.07 5.77
C LEU A 45 -4.63 -9.36 7.02
N GLU A 46 -5.94 -9.21 6.91
CA GLU A 46 -6.85 -9.49 8.02
C GLU A 46 -7.97 -10.38 7.52
N TRP A 47 -8.07 -11.59 8.08
CA TRP A 47 -9.16 -12.48 7.73
C TRP A 47 -10.48 -11.89 8.20
N VAL A 48 -11.50 -12.00 7.35
CA VAL A 48 -12.81 -11.40 7.60
C VAL A 48 -13.87 -12.45 7.95
N ALA A 49 -14.03 -13.45 7.09
CA ALA A 49 -15.13 -14.39 7.27
C ALA A 49 -14.90 -15.64 6.41
N VAL A 50 -15.59 -16.71 6.78
CA VAL A 50 -15.58 -17.94 6.00
C VAL A 50 -17.00 -18.50 5.94
N ILE A 51 -17.29 -19.23 4.88
CA ILE A 51 -18.59 -19.90 4.73
C ILE A 51 -18.35 -21.30 4.18
N SER A 52 -19.11 -22.27 4.68
CA SER A 52 -18.97 -23.62 4.20
C SER A 52 -19.50 -23.75 2.76
N ASN A 53 -19.10 -24.86 2.13
CA ASN A 53 -19.52 -25.15 0.77
C ASN A 53 -21.03 -25.02 0.59
N ASP A 54 -21.81 -25.51 1.55
CA ASP A 54 -23.26 -25.51 1.42
C ASP A 54 -23.94 -24.31 2.08
N GLY A 55 -23.16 -23.36 2.60
CA GLY A 55 -23.71 -22.14 3.17
C GLY A 55 -24.15 -22.23 4.62
N SER A 56 -24.09 -23.40 5.25
CA SER A 56 -24.70 -23.60 6.55
C SER A 56 -23.81 -23.18 7.73
N ASN A 57 -22.49 -23.20 7.56
CA ASN A 57 -21.54 -22.88 8.62
C ASN A 57 -20.84 -21.57 8.25
N LYS A 58 -20.88 -20.58 9.15
CA LYS A 58 -20.28 -19.27 8.90
C LYS A 58 -19.52 -18.80 10.13
N TYR A 59 -18.37 -18.15 9.91
CA TYR A 59 -17.61 -17.55 11.01
C TYR A 59 -17.06 -16.20 10.57
N TYR A 60 -16.80 -15.34 11.55
CA TYR A 60 -16.45 -13.94 11.31
C TYR A 60 -15.35 -13.49 12.25
N ALA A 61 -14.56 -12.54 11.76
CA ALA A 61 -13.64 -11.82 12.65
C ALA A 61 -14.44 -10.99 13.64
N ASP A 62 -13.90 -10.86 14.85
CA ASP A 62 -14.56 -10.06 15.89
C ASP A 62 -14.89 -8.66 15.41
N SER A 63 -14.01 -8.07 14.59
CA SER A 63 -14.15 -6.68 14.18
C SER A 63 -15.36 -6.45 13.29
N VAL A 64 -15.95 -7.49 12.70
CA VAL A 64 -17.08 -7.33 11.81
C VAL A 64 -18.31 -8.07 12.29
N LYS A 65 -18.25 -8.76 13.43
CA LYS A 65 -19.41 -9.47 13.95
C LYS A 65 -20.59 -8.52 14.17
N GLY A 66 -21.78 -8.98 13.81
CA GLY A 66 -22.98 -8.17 13.93
C GLY A 66 -23.17 -7.16 12.81
N ARG A 67 -22.16 -6.93 11.98
CA ARG A 67 -22.25 -5.94 10.91
C ARG A 67 -22.17 -6.57 9.53
N PHE A 68 -21.34 -7.59 9.36
CA PHE A 68 -21.13 -8.24 8.06
C PHE A 68 -21.83 -9.59 8.05
N THR A 69 -22.29 -9.99 6.86
CA THR A 69 -22.90 -11.30 6.64
C THR A 69 -22.30 -11.91 5.38
N ILE A 70 -21.77 -13.12 5.50
CA ILE A 70 -21.26 -13.87 4.36
C ILE A 70 -22.37 -14.80 3.87
N SER A 71 -22.49 -14.91 2.54
CA SER A 71 -23.50 -15.77 1.96
C SER A 71 -23.01 -16.22 0.59
N ARG A 72 -23.72 -17.18 0.00
CA ARG A 72 -23.34 -17.65 -1.32
C ARG A 72 -24.58 -18.14 -2.06
N ASP A 73 -24.47 -18.14 -3.39
CA ASP A 73 -25.50 -18.67 -4.28
C ASP A 73 -24.79 -19.68 -5.17
N ASN A 74 -24.89 -20.96 -4.83
CA ASN A 74 -24.12 -21.97 -5.54
C ASN A 74 -24.60 -22.12 -6.97
N SER A 75 -25.88 -21.91 -7.22
CA SER A 75 -26.42 -22.00 -8.59
C SER A 75 -25.84 -20.92 -9.50
N LYS A 76 -25.32 -19.83 -8.94
CA LYS A 76 -24.76 -18.73 -9.72
C LYS A 76 -23.25 -18.61 -9.57
N ASN A 77 -22.62 -19.56 -8.90
CA ASN A 77 -21.16 -19.56 -8.68
C ASN A 77 -20.70 -18.25 -8.07
N THR A 78 -21.47 -17.72 -7.13
CA THR A 78 -21.18 -16.40 -6.58
C THR A 78 -21.13 -16.46 -5.06
N LEU A 79 -20.11 -15.79 -4.50
CA LEU A 79 -19.96 -15.55 -3.07
C LEU A 79 -20.26 -14.08 -2.78
N TYR A 80 -20.94 -13.81 -1.66
CA TYR A 80 -21.31 -12.44 -1.29
C TYR A 80 -20.75 -12.07 0.07
N LEU A 81 -20.53 -10.77 0.25
CA LEU A 81 -20.25 -10.19 1.57
C LEU A 81 -21.16 -8.97 1.72
N GLN A 82 -22.19 -9.09 2.56
CA GLN A 82 -23.05 -7.96 2.88
C GLN A 82 -22.44 -7.19 4.04
N MET A 83 -22.10 -5.92 3.81
CA MET A 83 -21.44 -5.09 4.81
C MET A 83 -22.38 -3.99 5.24
N ASN A 84 -22.82 -4.02 6.50
CA ASN A 84 -23.69 -3.00 7.06
C ASN A 84 -22.92 -2.17 8.09
N SER A 85 -23.47 -0.99 8.40
CA SER A 85 -22.92 -0.12 9.43
C SER A 85 -21.43 0.11 9.24
N LEU A 86 -21.05 0.48 8.02
CA LEU A 86 -19.64 0.57 7.67
C LEU A 86 -18.96 1.72 8.41
N ARG A 87 -17.68 1.51 8.71
CA ARG A 87 -16.86 2.44 9.47
C ARG A 87 -15.61 2.79 8.66
N ALA A 88 -15.04 3.96 8.95
CA ALA A 88 -13.81 4.37 8.26
C ALA A 88 -12.78 3.24 8.23
N GLU A 89 -12.66 2.49 9.34
CA GLU A 89 -11.68 1.43 9.49
C GLU A 89 -11.95 0.21 8.62
N ASP A 90 -13.13 0.13 8.00
CA ASP A 90 -13.43 -0.91 7.04
C ASP A 90 -12.85 -0.64 5.66
N THR A 91 -12.26 0.53 5.44
CA THR A 91 -11.65 0.84 4.15
C THR A 91 -10.50 -0.13 3.88
N ALA A 92 -10.58 -0.82 2.74
CA ALA A 92 -9.64 -1.90 2.44
C ALA A 92 -9.92 -2.46 1.06
N VAL A 93 -8.92 -3.14 0.51
CA VAL A 93 -9.16 -4.05 -0.60
C VAL A 93 -9.67 -5.36 -0.01
N TYR A 94 -10.78 -5.86 -0.55
CA TYR A 94 -11.39 -7.10 -0.10
C TYR A 94 -11.12 -8.20 -1.12
N TYR A 95 -10.51 -9.28 -0.66
CA TYR A 95 -10.19 -10.45 -1.47
C TYR A 95 -11.12 -11.59 -1.11
N CYS A 96 -11.59 -12.32 -2.11
CA CYS A 96 -12.14 -13.64 -1.85
C CYS A 96 -11.05 -14.68 -2.10
N ALA A 97 -11.09 -15.74 -1.32
CA ALA A 97 -10.11 -16.81 -1.44
C ALA A 97 -10.79 -18.16 -1.24
N ARG A 98 -10.36 -19.15 -2.01
CA ARG A 98 -10.94 -20.47 -1.90
C ARG A 98 -10.29 -21.25 -0.76
N ASP A 99 -11.10 -21.88 0.07
CA ASP A 99 -10.58 -22.74 1.13
C ASP A 99 -10.08 -24.05 0.53
N GLY A 100 -8.86 -24.44 0.89
CA GLY A 100 -8.33 -25.70 0.37
C GLY A 100 -9.23 -26.88 0.73
N ARG A 101 -9.36 -27.81 -0.23
CA ARG A 101 -10.23 -28.95 -0.03
C ARG A 101 -9.76 -29.83 1.12
N SER A 102 -10.71 -30.29 1.93
CA SER A 102 -10.45 -31.21 3.03
C SER A 102 -11.74 -31.98 3.29
N VAL A 103 -11.63 -33.02 4.10
CA VAL A 103 -12.75 -33.89 4.42
C VAL A 103 -13.34 -33.49 5.77
N GLY A 104 -14.63 -33.18 5.77
CA GLY A 104 -15.34 -32.99 7.02
C GLY A 104 -15.29 -31.59 7.62
N GLY A 105 -14.80 -30.60 6.88
CA GLY A 105 -14.78 -29.25 7.44
C GLY A 105 -13.97 -28.29 6.60
N PHE A 106 -13.38 -27.31 7.28
CA PHE A 106 -12.59 -26.26 6.66
C PHE A 106 -11.12 -26.61 6.82
N SER A 107 -10.30 -26.22 5.83
CA SER A 107 -8.86 -26.38 5.98
C SER A 107 -8.19 -25.14 6.54
N GLY A 108 -8.62 -23.95 6.13
CA GLY A 108 -7.88 -22.75 6.48
C GLY A 108 -6.71 -22.47 5.59
N ILE A 109 -6.58 -23.19 4.47
CA ILE A 109 -5.62 -22.86 3.43
C ILE A 109 -6.34 -22.00 2.40
N LEU A 110 -5.73 -20.87 2.02
CA LEU A 110 -6.36 -19.90 1.12
C LEU A 110 -5.68 -19.96 -0.24
N ASP A 111 -6.34 -20.57 -1.24
CA ASP A 111 -5.71 -20.80 -2.54
C ASP A 111 -6.74 -21.18 -3.60
N PRO A 112 -6.90 -20.38 -4.67
CA PRO A 112 -6.22 -19.10 -4.90
C PRO A 112 -7.00 -17.93 -4.34
N TRP A 113 -6.49 -16.73 -4.60
CA TRP A 113 -7.14 -15.48 -4.21
C TRP A 113 -7.57 -14.72 -5.47
N GLY A 114 -8.66 -13.97 -5.36
CA GLY A 114 -9.06 -13.06 -6.41
C GLY A 114 -8.19 -11.82 -6.46
N GLN A 115 -8.50 -10.93 -7.41
CA GLN A 115 -7.70 -9.72 -7.60
C GLN A 115 -8.04 -8.63 -6.60
N GLY A 116 -9.16 -8.75 -5.90
CA GLY A 116 -9.55 -7.78 -4.90
C GLY A 116 -10.48 -6.71 -5.45
N THR A 117 -11.28 -6.13 -4.55
CA THR A 117 -12.12 -4.98 -4.89
C THR A 117 -12.01 -3.97 -3.75
N LEU A 118 -11.91 -2.69 -4.11
CA LEU A 118 -11.60 -1.65 -3.13
C LEU A 118 -12.88 -1.03 -2.58
N VAL A 119 -12.98 -0.98 -1.25
CA VAL A 119 -14.08 -0.33 -0.55
C VAL A 119 -13.50 0.88 0.17
N THR A 120 -14.04 2.07 -0.11
CA THR A 120 -13.62 3.32 0.50
C THR A 120 -14.77 3.88 1.32
N VAL A 121 -14.62 3.90 2.65
CA VAL A 121 -15.68 4.39 3.52
C VAL A 121 -15.40 5.87 3.80
N SER A 122 -16.26 6.74 3.29
CA SER A 122 -16.00 8.17 3.35
C SER A 122 -17.29 8.94 3.14
N SER A 123 -17.38 10.12 3.76
CA SER A 123 -18.47 11.06 3.52
C SER A 123 -18.19 12.02 2.37
N ALA A 124 -17.02 11.95 1.76
CA ALA A 124 -16.63 12.92 0.74
C ALA A 124 -17.41 12.70 -0.56
N SER A 125 -17.54 13.77 -1.33
CA SER A 125 -18.15 13.72 -2.65
C SER A 125 -17.08 13.85 -3.72
N THR A 126 -17.38 13.29 -4.90
CA THR A 126 -16.46 13.36 -6.04
C THR A 126 -16.08 14.81 -6.33
N LYS A 127 -14.78 15.07 -6.45
CA LYS A 127 -14.28 16.41 -6.68
C LYS A 127 -12.97 16.33 -7.44
N GLY A 128 -12.86 17.09 -8.53
CA GLY A 128 -11.64 17.13 -9.30
C GLY A 128 -10.56 17.95 -8.61
N PRO A 129 -9.30 17.70 -8.94
CA PRO A 129 -8.20 18.37 -8.24
C PRO A 129 -7.92 19.76 -8.77
N SER A 130 -7.33 20.57 -7.89
CA SER A 130 -6.60 21.75 -8.30
C SER A 130 -5.16 21.35 -8.54
N VAL A 131 -4.53 21.93 -9.56
CA VAL A 131 -3.17 21.54 -9.92
C VAL A 131 -2.29 22.77 -9.81
N PHE A 132 -1.39 22.76 -8.83
CA PHE A 132 -0.52 23.89 -8.57
C PHE A 132 0.92 23.57 -8.94
N PRO A 133 1.67 24.54 -9.44
CA PRO A 133 3.06 24.28 -9.82
C PRO A 133 3.96 24.20 -8.60
N LEU A 134 4.94 23.31 -8.68
CA LEU A 134 6.08 23.28 -7.76
C LEU A 134 7.24 23.82 -8.59
N ALA A 135 7.44 25.13 -8.56
CA ALA A 135 8.31 25.76 -9.53
C ALA A 135 9.77 25.55 -9.18
N PRO A 136 10.64 25.34 -10.17
CA PRO A 136 12.06 25.15 -9.87
C PRO A 136 12.66 26.44 -9.33
N SER A 137 13.46 26.31 -8.28
CA SER A 137 14.08 27.47 -7.64
C SER A 137 15.27 27.98 -8.46
N SER A 142 23.46 27.03 -12.50
CA SER A 142 24.32 26.34 -11.53
C SER A 142 25.04 25.17 -12.18
N GLY A 143 24.67 24.86 -13.42
CA GLY A 143 25.23 23.70 -14.10
C GLY A 143 24.95 22.40 -13.40
N GLY A 144 23.89 22.33 -12.60
CA GLY A 144 23.58 21.16 -11.81
C GLY A 144 22.19 20.60 -12.07
N THR A 145 21.50 20.20 -11.01
CA THR A 145 20.21 19.54 -11.13
C THR A 145 19.14 20.37 -10.44
N ALA A 146 18.01 20.58 -11.12
CA ALA A 146 16.86 21.28 -10.58
C ALA A 146 15.72 20.29 -10.36
N ALA A 147 14.86 20.59 -9.39
CA ALA A 147 13.64 19.83 -9.16
C ALA A 147 12.44 20.73 -9.42
N LEU A 148 11.41 20.16 -10.03
CA LEU A 148 10.15 20.85 -10.25
C LEU A 148 9.03 19.83 -10.15
N GLY A 149 7.80 20.29 -10.11
CA GLY A 149 6.71 19.34 -9.98
C GLY A 149 5.35 19.98 -10.04
N CYS A 150 4.35 19.16 -9.72
CA CYS A 150 2.95 19.56 -9.67
C CYS A 150 2.35 19.05 -8.38
N LEU A 151 1.62 19.91 -7.69
CA LEU A 151 0.86 19.52 -6.51
C LEU A 151 -0.59 19.35 -6.92
N VAL A 152 -1.09 18.13 -6.78
CA VAL A 152 -2.43 17.74 -7.24
C VAL A 152 -3.28 17.63 -5.98
N LYS A 153 -4.03 18.69 -5.67
CA LYS A 153 -4.58 18.87 -4.34
C LYS A 153 -6.09 18.84 -4.33
N ASP A 154 -6.65 18.24 -3.27
CA ASP A 154 -8.07 18.32 -2.89
C ASP A 154 -8.97 17.64 -3.91
N TYR A 155 -8.70 16.35 -4.15
CA TYR A 155 -9.54 15.57 -5.04
C TYR A 155 -10.12 14.37 -4.29
N PHE A 156 -11.18 13.82 -4.86
CA PHE A 156 -11.79 12.63 -4.30
C PHE A 156 -12.64 11.99 -5.38
N PRO A 157 -12.65 10.65 -5.49
CA PRO A 157 -11.85 9.67 -4.76
C PRO A 157 -10.53 9.43 -5.48
N GLU A 158 -9.72 8.52 -4.92
CA GLU A 158 -8.62 7.99 -5.69
C GLU A 158 -9.17 7.23 -6.91
N PRO A 159 -8.38 7.08 -7.98
CA PRO A 159 -6.98 7.52 -8.16
C PRO A 159 -6.82 8.71 -9.11
N VAL A 160 -5.60 9.21 -9.21
CA VAL A 160 -5.21 10.15 -10.26
C VAL A 160 -3.97 9.58 -10.92
N THR A 161 -3.81 9.87 -12.20
CA THR A 161 -2.56 9.58 -12.88
C THR A 161 -1.89 10.87 -13.30
N VAL A 162 -0.56 10.84 -13.32
CA VAL A 162 0.23 11.98 -13.73
C VAL A 162 1.28 11.49 -14.71
N SER A 163 1.41 12.17 -15.84
CA SER A 163 2.53 11.99 -16.74
C SER A 163 3.21 13.34 -16.94
N TRP A 164 4.39 13.33 -17.55
CA TRP A 164 5.10 14.55 -17.87
C TRP A 164 5.36 14.60 -19.38
N ASN A 165 5.06 15.75 -19.98
CA ASN A 165 5.27 15.98 -21.40
C ASN A 165 4.63 14.88 -22.25
N SER A 166 3.40 14.52 -21.86
CA SER A 166 2.58 13.51 -22.52
C SER A 166 3.28 12.16 -22.60
N GLY A 167 4.11 11.86 -21.60
CA GLY A 167 4.83 10.60 -21.56
C GLY A 167 6.22 10.63 -22.15
N ALA A 168 6.62 11.74 -22.77
CA ALA A 168 7.96 11.87 -23.34
C ALA A 168 9.04 12.02 -22.26
N LEU A 169 8.67 12.46 -21.07
CA LEU A 169 9.61 12.64 -19.97
C LEU A 169 9.28 11.62 -18.90
N THR A 170 10.17 10.64 -18.72
CA THR A 170 10.00 9.63 -17.69
C THR A 170 11.19 9.52 -16.75
N SER A 171 12.41 9.80 -17.22
CA SER A 171 13.59 9.69 -16.37
C SER A 171 13.53 10.74 -15.27
N GLY A 172 13.80 10.31 -14.04
CA GLY A 172 13.82 11.22 -12.92
C GLY A 172 12.47 11.59 -12.36
N VAL A 173 11.38 11.05 -12.89
CA VAL A 173 10.04 11.36 -12.41
C VAL A 173 9.73 10.53 -11.17
N HIS A 174 9.15 11.17 -10.16
CA HIS A 174 8.61 10.48 -8.99
C HIS A 174 7.20 11.01 -8.74
N THR A 175 6.21 10.14 -8.91
CA THR A 175 4.84 10.47 -8.53
C THR A 175 4.52 9.75 -7.23
N PHE A 176 4.19 10.51 -6.19
CA PHE A 176 4.13 9.95 -4.86
C PHE A 176 2.75 9.41 -4.53
N PRO A 177 2.67 8.45 -3.59
CA PRO A 177 1.36 8.06 -3.07
C PRO A 177 0.61 9.26 -2.53
N ALA A 178 -0.69 9.30 -2.79
CA ALA A 178 -1.50 10.36 -2.22
C ALA A 178 -1.59 10.20 -0.70
N VAL A 179 -1.86 11.31 -0.04
CA VAL A 179 -2.19 11.32 1.38
C VAL A 179 -3.63 11.78 1.53
N LEU A 180 -4.29 11.27 2.56
CA LEU A 180 -5.68 11.62 2.83
C LEU A 180 -5.68 12.72 3.88
N GLN A 181 -6.17 13.89 3.50
CA GLN A 181 -6.17 15.04 4.39
C GLN A 181 -7.33 14.94 5.39
N SER A 182 -7.25 15.76 6.44
CA SER A 182 -8.31 15.73 7.45
C SER A 182 -9.65 16.17 6.86
N SER A 183 -9.63 16.88 5.74
CA SER A 183 -10.85 17.25 5.02
C SER A 183 -11.55 16.06 4.38
N GLY A 184 -10.89 14.91 4.29
CA GLY A 184 -11.42 13.81 3.52
C GLY A 184 -11.05 13.82 2.06
N LEU A 185 -10.29 14.82 1.60
CA LEU A 185 -9.81 14.90 0.24
C LEU A 185 -8.35 14.47 0.16
N TYR A 186 -7.97 13.96 -1.00
CA TYR A 186 -6.59 13.51 -1.20
C TYR A 186 -5.73 14.62 -1.76
N SER A 187 -4.42 14.47 -1.59
CA SER A 187 -3.42 15.36 -2.15
C SER A 187 -2.21 14.54 -2.54
N LEU A 188 -1.63 14.86 -3.69
CA LEU A 188 -0.52 14.11 -4.27
C LEU A 188 0.45 15.08 -4.90
N SER A 189 1.73 14.74 -4.87
CA SER A 189 2.74 15.49 -5.61
C SER A 189 3.40 14.58 -6.64
N SER A 190 3.80 15.17 -7.75
CA SER A 190 4.60 14.52 -8.76
C SER A 190 5.75 15.44 -9.09
N VAL A 191 6.98 14.92 -9.05
CA VAL A 191 8.16 15.74 -9.26
C VAL A 191 9.03 15.12 -10.34
N VAL A 192 9.96 15.92 -10.84
CA VAL A 192 10.98 15.44 -11.75
C VAL A 192 12.23 16.27 -11.52
N THR A 193 13.40 15.64 -11.59
CA THR A 193 14.66 16.34 -11.55
C THR A 193 15.21 16.42 -12.96
N VAL A 194 15.69 17.61 -13.33
CA VAL A 194 16.15 17.88 -14.68
C VAL A 194 17.42 18.73 -14.61
N PRO A 195 18.17 18.80 -15.71
CA PRO A 195 19.33 19.70 -15.74
C PRO A 195 18.90 21.15 -15.55
N SER A 196 19.60 21.85 -14.65
CA SER A 196 19.31 23.26 -14.44
C SER A 196 19.45 24.06 -15.73
N SER A 197 20.35 23.65 -16.63
CA SER A 197 20.55 24.36 -17.89
C SER A 197 19.33 24.25 -18.81
N SER A 198 18.45 23.28 -18.57
CA SER A 198 17.30 23.09 -19.45
C SER A 198 16.14 24.00 -19.13
N LEU A 199 16.18 24.72 -17.99
CA LEU A 199 15.00 25.43 -17.51
C LEU A 199 14.60 26.57 -18.44
N GLY A 200 15.55 27.18 -19.13
CA GLY A 200 15.21 28.26 -20.04
C GLY A 200 14.72 27.82 -21.40
N THR A 201 15.00 26.57 -21.78
CA THR A 201 14.73 26.07 -23.12
C THR A 201 13.63 25.02 -23.16
N GLN A 202 13.56 24.14 -22.17
CA GLN A 202 12.67 22.98 -22.22
C GLN A 202 11.36 23.27 -21.49
N THR A 203 10.25 23.04 -22.19
CA THR A 203 8.93 23.11 -21.57
C THR A 203 8.67 21.86 -20.74
N TYR A 204 8.10 22.04 -19.55
CA TYR A 204 7.71 20.95 -18.67
C TYR A 204 6.24 21.10 -18.33
N ILE A 205 5.45 20.10 -18.70
CA ILE A 205 4.00 20.11 -18.50
C ILE A 205 3.63 18.80 -17.80
N CYS A 206 2.93 18.90 -16.68
CA CYS A 206 2.41 17.70 -16.05
C CYS A 206 0.99 17.46 -16.53
N ASN A 207 0.70 16.23 -16.92
CA ASN A 207 -0.61 15.86 -17.45
C ASN A 207 -1.33 15.09 -16.37
N VAL A 208 -2.35 15.69 -15.79
CA VAL A 208 -3.08 15.12 -14.66
C VAL A 208 -4.42 14.62 -15.17
N ASN A 209 -4.80 13.40 -14.77
CA ASN A 209 -6.09 12.83 -15.16
C ASN A 209 -6.75 12.28 -13.90
N HIS A 210 -7.85 12.91 -13.48
CA HIS A 210 -8.69 12.41 -12.40
C HIS A 210 -9.96 11.86 -13.05
N LYS A 211 -9.91 10.58 -13.44
CA LYS A 211 -11.03 10.01 -14.18
C LYS A 211 -12.35 10.00 -13.41
N PRO A 212 -12.40 9.84 -12.08
CA PRO A 212 -13.71 9.84 -11.42
C PRO A 212 -14.53 11.10 -11.64
N SER A 213 -13.88 12.24 -11.89
CA SER A 213 -14.58 13.50 -12.13
C SER A 213 -14.46 13.97 -13.57
N ASN A 214 -13.95 13.13 -14.48
CA ASN A 214 -13.72 13.50 -15.87
C ASN A 214 -12.89 14.79 -15.96
N THR A 215 -11.87 14.92 -15.10
CA THR A 215 -11.05 16.12 -15.05
C THR A 215 -9.66 15.80 -15.56
N LYS A 216 -9.28 16.40 -16.69
CA LYS A 216 -7.90 16.36 -17.17
C LYS A 216 -7.33 17.77 -17.16
N VAL A 217 -6.08 17.91 -16.70
CA VAL A 217 -5.39 19.19 -16.65
C VAL A 217 -3.99 18.99 -17.20
N ASP A 218 -3.56 19.88 -18.10
CA ASP A 218 -2.16 20.01 -18.50
C ASP A 218 -1.64 21.30 -17.89
N LYS A 219 -0.68 21.17 -16.97
CA LYS A 219 -0.14 22.31 -16.23
C LYS A 219 1.31 22.52 -16.61
N LYS A 220 1.60 23.66 -17.25
CA LYS A 220 2.97 24.04 -17.54
C LYS A 220 3.61 24.59 -16.27
N VAL A 221 4.83 24.16 -15.99
CA VAL A 221 5.54 24.53 -14.77
C VAL A 221 6.79 25.32 -15.20
N GLU A 222 6.86 26.58 -14.77
CA GLU A 222 7.92 27.49 -15.20
C GLU A 222 8.71 28.00 -13.99
N PRO A 223 9.97 28.40 -14.20
CA PRO A 223 10.75 28.95 -13.08
C PRO A 223 10.14 30.24 -12.54
N GLU B 1 -6.63 -15.04 20.34
CA GLU B 1 -6.17 -15.47 19.02
C GLU B 1 -4.67 -15.80 19.04
N ILE B 2 -4.21 -16.57 18.06
CA ILE B 2 -2.79 -16.86 17.91
C ILE B 2 -2.13 -15.66 17.25
N VAL B 3 -1.15 -15.08 17.93
CA VAL B 3 -0.40 -13.95 17.39
C VAL B 3 0.85 -14.47 16.70
N LEU B 4 1.04 -14.06 15.45
CA LEU B 4 2.22 -14.41 14.66
C LEU B 4 3.10 -13.19 14.51
N THR B 5 4.39 -13.34 14.84
CA THR B 5 5.34 -12.25 14.77
C THR B 5 6.42 -12.59 13.74
N GLN B 6 6.60 -11.72 12.75
CA GLN B 6 7.58 -11.92 11.69
C GLN B 6 8.76 -10.99 11.87
N SER B 7 9.96 -11.54 11.71
CA SER B 7 11.20 -10.79 11.83
C SER B 7 12.14 -11.19 10.71
N PRO B 8 12.99 -10.26 10.24
CA PRO B 8 12.85 -8.84 10.56
C PRO B 8 11.69 -8.27 9.75
N ALA B 9 11.24 -7.05 10.05
CA ALA B 9 10.19 -6.44 9.24
C ALA B 9 10.65 -6.23 7.80
N THR B 10 11.93 -5.88 7.62
CA THR B 10 12.51 -5.70 6.29
C THR B 10 13.81 -6.49 6.19
N LEU B 11 13.96 -7.22 5.10
CA LEU B 11 15.20 -7.89 4.75
C LEU B 11 15.79 -7.20 3.53
N SER B 12 17.05 -6.76 3.65
CA SER B 12 17.72 -6.04 2.57
C SER B 12 18.82 -6.94 2.01
N LEU B 13 18.67 -7.38 0.76
CA LEU B 13 19.54 -8.40 0.19
C LEU B 13 19.75 -8.14 -1.30
N SER B 14 20.77 -8.81 -1.87
CA SER B 14 20.98 -8.62 -3.30
C SER B 14 20.44 -9.83 -4.07
N PRO B 15 20.04 -9.65 -5.33
CA PRO B 15 19.64 -10.81 -6.14
C PRO B 15 20.76 -11.85 -6.14
N GLY B 16 20.36 -13.12 -6.02
CA GLY B 16 21.30 -14.21 -5.93
C GLY B 16 21.70 -14.59 -4.52
N GLU B 17 21.42 -13.76 -3.52
CA GLU B 17 21.71 -14.07 -2.13
C GLU B 17 20.63 -14.97 -1.54
N ARG B 18 20.99 -15.63 -0.45
CA ARG B 18 20.05 -16.47 0.31
C ARG B 18 19.23 -15.59 1.25
N ALA B 19 17.93 -15.86 1.33
CA ALA B 19 17.01 -15.11 2.18
C ALA B 19 16.40 -16.04 3.21
N THR B 20 16.44 -15.65 4.48
CA THR B 20 15.85 -16.42 5.57
C THR B 20 14.90 -15.53 6.34
N LEU B 21 13.63 -15.92 6.35
CA LEU B 21 12.55 -15.16 6.98
C LEU B 21 12.02 -15.95 8.17
N SER B 22 11.70 -15.24 9.25
CA SER B 22 11.28 -15.89 10.49
C SER B 22 9.81 -15.59 10.80
N CYS B 23 9.11 -16.57 11.37
CA CYS B 23 7.76 -16.40 11.89
C CYS B 23 7.69 -17.13 13.24
N ARG B 24 7.19 -16.43 14.27
CA ARG B 24 7.07 -17.01 15.60
C ARG B 24 5.63 -16.87 16.09
N ALA B 25 5.09 -17.96 16.63
CA ALA B 25 3.71 -18.01 17.11
C ALA B 25 3.64 -17.88 18.63
N SER B 26 2.58 -17.22 19.11
CA SER B 26 2.42 -16.99 20.53
C SER B 26 2.16 -18.27 21.32
N GLN B 27 1.69 -19.32 20.66
CA GLN B 27 1.68 -20.66 21.23
C GLN B 27 1.81 -21.63 20.07
N SER B 28 2.01 -22.91 20.39
CA SER B 28 2.26 -23.90 19.35
C SER B 28 1.11 -23.98 18.35
N VAL B 29 1.45 -23.99 17.06
CA VAL B 29 0.50 -24.22 16.00
C VAL B 29 0.79 -25.56 15.31
N GLY B 30 1.57 -26.43 15.97
CA GLY B 30 1.98 -27.67 15.34
C GLY B 30 2.81 -27.37 14.10
N SER B 31 2.41 -27.95 12.98
CA SER B 31 3.00 -27.63 11.69
C SER B 31 2.05 -26.82 10.82
N TYR B 32 0.94 -26.33 11.39
CA TYR B 32 -0.13 -25.72 10.59
C TYR B 32 0.18 -24.26 10.30
N LEU B 33 1.24 -24.06 9.53
CA LEU B 33 1.77 -22.73 9.26
C LEU B 33 2.04 -22.62 7.75
N ALA B 34 1.49 -21.59 7.12
CA ALA B 34 1.64 -21.40 5.69
C ALA B 34 2.34 -20.06 5.39
N TRP B 35 2.87 -19.94 4.18
CA TRP B 35 3.51 -18.71 3.73
C TRP B 35 2.90 -18.26 2.42
N TYR B 36 2.59 -16.96 2.32
CA TYR B 36 2.06 -16.34 1.12
C TYR B 36 3.02 -15.25 0.65
N GLN B 37 3.12 -15.09 -0.66
CA GLN B 37 3.89 -14.02 -1.27
C GLN B 37 2.92 -12.99 -1.82
N GLN B 38 3.21 -11.71 -1.60
CA GLN B 38 2.43 -10.64 -2.23
C GLN B 38 3.37 -9.71 -2.99
N LYS B 39 3.33 -9.82 -4.32
CA LYS B 39 4.09 -8.94 -5.18
C LYS B 39 3.39 -7.59 -5.29
N PRO B 40 4.14 -6.54 -5.62
CA PRO B 40 3.54 -5.20 -5.68
C PRO B 40 2.35 -5.16 -6.65
N GLY B 41 1.23 -4.67 -6.16
CA GLY B 41 0.03 -4.50 -6.95
C GLY B 41 -0.77 -5.77 -7.21
N GLN B 42 -0.51 -6.85 -6.49
CA GLN B 42 -1.11 -8.14 -6.78
C GLN B 42 -1.72 -8.74 -5.52
N ALA B 43 -2.55 -9.76 -5.71
CA ALA B 43 -3.10 -10.51 -4.60
C ALA B 43 -2.06 -11.45 -4.02
N PRO B 44 -2.20 -11.86 -2.76
CA PRO B 44 -1.29 -12.87 -2.21
C PRO B 44 -1.40 -14.19 -2.94
N ARG B 45 -0.31 -14.97 -2.88
CA ARG B 45 -0.20 -16.26 -3.53
C ARG B 45 0.38 -17.25 -2.55
N LEU B 46 -0.24 -18.43 -2.43
CA LEU B 46 0.28 -19.47 -1.53
C LEU B 46 1.64 -19.96 -2.03
N LEU B 47 2.62 -20.02 -1.12
CA LEU B 47 3.96 -20.54 -1.43
C LEU B 47 4.23 -21.88 -0.77
N ILE B 48 4.02 -21.95 0.55
CA ILE B 48 4.34 -23.09 1.39
C ILE B 48 3.14 -23.33 2.28
N TYR B 49 2.79 -24.59 2.49
CA TYR B 49 1.79 -24.93 3.49
C TYR B 49 2.32 -26.04 4.38
N ASP B 50 1.71 -26.16 5.56
CA ASP B 50 2.11 -27.16 6.56
C ASP B 50 3.61 -27.09 6.84
N ALA B 51 4.11 -25.86 6.96
CA ALA B 51 5.46 -25.51 7.37
C ALA B 51 6.51 -25.77 6.30
N SER B 52 6.37 -26.86 5.55
CA SER B 52 7.46 -27.27 4.67
C SER B 52 7.04 -27.76 3.28
N ASP B 53 5.75 -27.80 2.95
CA ASP B 53 5.31 -28.35 1.66
C ASP B 53 5.12 -27.22 0.65
N ARG B 54 5.78 -27.35 -0.50
CA ARG B 54 5.61 -26.34 -1.55
C ARG B 54 4.26 -26.50 -2.23
N ALA B 55 3.59 -25.37 -2.46
CA ALA B 55 2.36 -25.39 -3.24
C ALA B 55 2.67 -25.69 -4.70
N THR B 56 1.62 -26.02 -5.45
CA THR B 56 1.77 -26.41 -6.84
C THR B 56 2.43 -25.30 -7.67
N GLY B 57 3.46 -25.66 -8.43
CA GLY B 57 4.12 -24.73 -9.32
C GLY B 57 5.08 -23.75 -8.66
N ILE B 58 5.34 -23.89 -7.36
CA ILE B 58 6.26 -23.00 -6.67
C ILE B 58 7.69 -23.50 -6.90
N PRO B 59 8.62 -22.65 -7.34
CA PRO B 59 9.99 -23.10 -7.65
C PRO B 59 10.69 -23.70 -6.45
N ALA B 60 11.66 -24.56 -6.74
CA ALA B 60 12.37 -25.30 -5.70
C ALA B 60 13.22 -24.41 -4.81
N ARG B 61 13.54 -23.18 -5.24
CA ARG B 61 14.34 -22.30 -4.39
C ARG B 61 13.60 -21.88 -3.12
N PHE B 62 12.27 -22.06 -3.07
CA PHE B 62 11.51 -21.77 -1.86
C PHE B 62 11.43 -23.01 -0.99
N SER B 63 11.72 -22.85 0.30
CA SER B 63 11.57 -23.96 1.23
C SER B 63 11.18 -23.41 2.60
N GLY B 64 10.64 -24.29 3.44
CA GLY B 64 10.24 -23.91 4.77
C GLY B 64 10.57 -25.02 5.74
N SER B 65 10.67 -24.64 7.01
CA SER B 65 10.89 -25.63 8.06
C SER B 65 10.43 -25.06 9.40
N GLY B 66 10.13 -25.96 10.32
CA GLY B 66 9.76 -25.57 11.65
C GLY B 66 8.51 -26.27 12.16
N SER B 67 8.34 -26.27 13.48
CA SER B 67 7.15 -26.82 14.11
C SER B 67 7.00 -26.15 15.46
N GLY B 68 5.80 -26.21 16.01
CA GLY B 68 5.55 -25.60 17.29
C GLY B 68 5.35 -24.10 17.20
N THR B 69 6.33 -23.33 17.67
CA THR B 69 6.22 -21.87 17.65
C THR B 69 7.20 -21.17 16.72
N ASP B 70 8.18 -21.87 16.16
CA ASP B 70 9.26 -21.22 15.41
C ASP B 70 9.33 -21.79 14.00
N PHE B 71 9.30 -20.89 13.01
CA PHE B 71 9.26 -21.28 11.61
C PHE B 71 10.15 -20.38 10.77
N THR B 72 10.65 -20.93 9.67
CA THR B 72 11.47 -20.17 8.74
C THR B 72 11.01 -20.44 7.32
N LEU B 73 11.10 -19.41 6.49
CA LEU B 73 10.97 -19.50 5.05
C LEU B 73 12.33 -19.14 4.48
N THR B 74 12.85 -19.98 3.58
CA THR B 74 14.15 -19.76 2.96
C THR B 74 13.97 -19.63 1.45
N ILE B 75 14.61 -18.62 0.87
CA ILE B 75 14.78 -18.53 -0.57
C ILE B 75 16.27 -18.71 -0.81
N SER B 76 16.64 -19.81 -1.47
CA SER B 76 18.05 -20.19 -1.51
C SER B 76 18.89 -19.21 -2.32
N SER B 77 18.31 -18.64 -3.38
CA SER B 77 19.01 -17.67 -4.22
C SER B 77 17.95 -16.75 -4.80
N LEU B 78 17.92 -15.50 -4.33
CA LEU B 78 16.86 -14.56 -4.72
C LEU B 78 16.91 -14.27 -6.21
N GLU B 79 15.74 -14.34 -6.85
CA GLU B 79 15.51 -13.84 -8.19
C GLU B 79 14.88 -12.46 -8.12
N PRO B 80 14.94 -11.67 -9.21
CA PRO B 80 14.34 -10.33 -9.17
C PRO B 80 12.88 -10.34 -8.78
N GLU B 81 12.12 -11.34 -9.25
CA GLU B 81 10.69 -11.42 -8.93
C GLU B 81 10.43 -11.76 -7.46
N ASP B 82 11.45 -12.14 -6.69
CA ASP B 82 11.24 -12.52 -5.29
C ASP B 82 11.26 -11.35 -4.33
N PHE B 83 11.60 -10.14 -4.79
CA PHE B 83 11.58 -8.97 -3.93
C PHE B 83 10.13 -8.52 -3.81
N ALA B 84 9.56 -8.80 -2.64
CA ALA B 84 8.12 -8.78 -2.42
C ALA B 84 7.89 -8.88 -0.92
N VAL B 85 6.62 -8.96 -0.53
CA VAL B 85 6.25 -9.08 0.88
C VAL B 85 5.79 -10.52 1.12
N TYR B 86 6.16 -11.07 2.27
CA TYR B 86 5.83 -12.45 2.61
C TYR B 86 5.10 -12.46 3.95
N TYR B 87 3.98 -13.17 3.99
CA TYR B 87 3.15 -13.29 5.20
C TYR B 87 3.09 -14.73 5.62
N CYS B 88 3.22 -14.98 6.93
CA CYS B 88 2.89 -16.29 7.45
C CYS B 88 1.46 -16.29 7.96
N GLN B 89 0.90 -17.48 8.09
CA GLN B 89 -0.51 -17.65 8.43
C GLN B 89 -0.69 -19.00 9.11
N GLN B 90 -1.40 -19.01 10.24
CA GLN B 90 -1.64 -20.26 10.96
C GLN B 90 -3.08 -20.71 10.77
N ARG B 91 -3.27 -22.03 10.73
CA ARG B 91 -4.60 -22.63 10.64
C ARG B 91 -4.81 -23.68 11.73
N SER B 92 -4.04 -23.60 12.83
CA SER B 92 -4.15 -24.58 13.91
C SER B 92 -5.34 -24.29 14.81
N ASN B 93 -5.59 -23.03 15.10
CA ASN B 93 -6.59 -22.64 16.09
C ASN B 93 -7.32 -21.43 15.54
N TRP B 94 -8.54 -21.63 15.04
CA TRP B 94 -9.29 -20.56 14.41
C TRP B 94 -10.77 -20.93 14.44
N PRO B 95 -11.68 -19.94 14.25
CA PRO B 95 -11.44 -18.52 13.99
C PRO B 95 -10.87 -17.75 15.18
N PRO B 96 -10.18 -16.63 14.93
CA PRO B 96 -9.87 -16.13 13.57
C PRO B 96 -8.65 -16.82 12.98
N LEU B 97 -8.62 -16.99 11.66
CA LEU B 97 -7.36 -17.25 10.99
C LEU B 97 -6.48 -16.03 11.14
N THR B 98 -5.22 -16.22 11.51
CA THR B 98 -4.36 -15.07 11.76
C THR B 98 -3.11 -15.11 10.88
N PHE B 99 -2.64 -13.92 10.56
CA PHE B 99 -1.46 -13.67 9.74
C PHE B 99 -0.40 -12.96 10.56
N GLY B 100 0.87 -13.19 10.23
CA GLY B 100 1.93 -12.32 10.71
C GLY B 100 1.86 -10.97 10.04
N GLY B 101 2.68 -10.04 10.52
CA GLY B 101 2.63 -8.66 10.01
C GLY B 101 3.32 -8.45 8.68
N GLY B 102 4.00 -9.47 8.16
CA GLY B 102 4.68 -9.36 6.88
C GLY B 102 6.15 -9.01 7.00
N THR B 103 6.96 -9.58 6.10
CA THR B 103 8.36 -9.20 5.96
C THR B 103 8.58 -8.76 4.52
N LYS B 104 9.11 -7.56 4.34
CA LYS B 104 9.44 -7.05 3.02
C LYS B 104 10.87 -7.42 2.69
N VAL B 105 11.06 -8.03 1.51
CA VAL B 105 12.40 -8.29 0.99
C VAL B 105 12.70 -7.22 -0.04
N GLU B 106 13.66 -6.33 0.27
CA GLU B 106 14.02 -5.23 -0.59
C GLU B 106 15.44 -5.40 -1.10
N ILE B 107 15.76 -4.66 -2.16
CA ILE B 107 17.09 -4.72 -2.78
C ILE B 107 18.07 -3.90 -1.94
N LYS B 108 19.17 -4.54 -1.53
CA LYS B 108 20.22 -3.85 -0.80
C LYS B 108 21.09 -3.06 -1.76
N ARG B 109 21.50 -1.86 -1.35
CA ARG B 109 22.46 -1.07 -2.12
C ARG B 109 23.27 -0.22 -1.14
N THR B 110 24.22 0.53 -1.68
CA THR B 110 25.01 1.40 -0.83
C THR B 110 24.17 2.57 -0.32
N VAL B 111 24.59 3.10 0.84
CA VAL B 111 23.88 4.24 1.41
C VAL B 111 23.98 5.40 0.43
N ALA B 112 22.85 6.08 0.22
CA ALA B 112 22.79 7.28 -0.62
C ALA B 112 22.06 8.36 0.16
N ALA B 113 22.72 9.49 0.36
CA ALA B 113 22.08 10.61 1.03
C ALA B 113 21.07 11.28 0.10
N PRO B 114 19.94 11.76 0.63
CA PRO B 114 18.96 12.44 -0.22
C PRO B 114 19.46 13.79 -0.70
N SER B 115 19.01 14.16 -1.90
CA SER B 115 19.00 15.54 -2.34
C SER B 115 17.69 16.17 -1.86
N VAL B 116 17.77 17.37 -1.29
CA VAL B 116 16.63 17.99 -0.62
C VAL B 116 16.24 19.26 -1.35
N PHE B 117 14.92 19.46 -1.52
CA PHE B 117 14.38 20.64 -2.18
C PHE B 117 13.14 21.10 -1.44
N ILE B 118 12.97 22.41 -1.30
CA ILE B 118 11.79 22.98 -0.66
C ILE B 118 11.07 23.85 -1.68
N PHE B 119 9.73 23.78 -1.64
CA PHE B 119 8.88 24.51 -2.58
C PHE B 119 7.90 25.37 -1.78
N PRO B 120 7.94 26.69 -1.92
CA PRO B 120 6.93 27.52 -1.28
C PRO B 120 5.57 27.29 -1.91
N PRO B 121 4.49 27.68 -1.25
CA PRO B 121 3.19 27.64 -1.91
C PRO B 121 3.17 28.54 -3.13
N SER B 122 2.47 28.09 -4.17
CA SER B 122 2.35 28.87 -5.39
C SER B 122 1.43 30.07 -5.16
N ASP B 123 1.68 31.14 -5.93
CA ASP B 123 0.76 32.26 -5.91
C ASP B 123 -0.65 31.82 -6.24
N GLU B 124 -0.79 30.90 -7.19
CA GLU B 124 -2.12 30.38 -7.56
C GLU B 124 -2.83 29.80 -6.35
N GLN B 125 -2.15 28.97 -5.56
CA GLN B 125 -2.80 28.38 -4.39
C GLN B 125 -3.13 29.44 -3.35
N LEU B 126 -2.24 30.41 -3.16
CA LEU B 126 -2.47 31.46 -2.19
C LEU B 126 -3.71 32.29 -2.53
N LYS B 127 -3.97 32.51 -3.82
CA LYS B 127 -5.19 33.23 -4.20
C LYS B 127 -6.42 32.46 -3.77
N SER B 128 -6.37 31.12 -3.83
CA SER B 128 -7.48 30.30 -3.42
C SER B 128 -7.67 30.23 -1.92
N GLY B 129 -6.70 30.72 -1.13
CA GLY B 129 -6.87 30.86 0.29
C GLY B 129 -6.16 29.86 1.19
N THR B 130 -5.29 29.01 0.66
CA THR B 130 -4.56 28.05 1.48
C THR B 130 -3.10 28.02 1.05
N ALA B 131 -2.25 27.42 1.89
CA ALA B 131 -0.82 27.38 1.63
C ALA B 131 -0.28 25.99 1.93
N SER B 132 0.33 25.37 0.92
CA SER B 132 1.02 24.09 1.08
C SER B 132 2.50 24.31 0.81
N VAL B 133 3.34 23.96 1.78
CA VAL B 133 4.78 23.96 1.62
C VAL B 133 5.21 22.52 1.43
N VAL B 134 6.04 22.26 0.41
CA VAL B 134 6.41 20.91 0.04
C VAL B 134 7.92 20.74 0.20
N CYS B 135 8.33 19.63 0.81
CA CYS B 135 9.74 19.28 0.92
C CYS B 135 9.97 17.94 0.25
N LEU B 136 10.94 17.89 -0.66
CA LEU B 136 11.26 16.71 -1.46
C LEU B 136 12.61 16.16 -1.02
N LEU B 137 12.66 14.87 -0.73
CA LEU B 137 13.90 14.14 -0.46
C LEU B 137 14.06 13.15 -1.59
N ASN B 138 15.09 13.34 -2.42
CA ASN B 138 15.19 12.66 -3.69
C ASN B 138 16.27 11.58 -3.64
N ASN B 139 15.88 10.34 -3.97
CA ASN B 139 16.78 9.23 -4.32
C ASN B 139 17.80 8.94 -3.21
N PHE B 140 17.28 8.46 -2.09
CA PHE B 140 18.11 8.11 -0.94
C PHE B 140 17.94 6.63 -0.58
N TYR B 141 18.91 6.13 0.19
CA TYR B 141 18.88 4.75 0.66
C TYR B 141 19.70 4.65 1.93
N PRO B 142 19.24 3.94 2.97
CA PRO B 142 17.97 3.22 3.08
C PRO B 142 16.79 4.15 3.32
N ARG B 143 15.62 3.54 3.53
CA ARG B 143 14.36 4.28 3.50
C ARG B 143 14.14 5.12 4.74
N GLU B 144 14.81 4.79 5.85
CA GLU B 144 14.65 5.55 7.09
C GLU B 144 15.16 6.97 6.91
N ALA B 145 14.28 7.95 7.12
CA ALA B 145 14.66 9.35 7.04
C ALA B 145 13.71 10.16 7.92
N LYS B 146 14.17 11.30 8.40
CA LYS B 146 13.34 12.17 9.22
C LYS B 146 13.27 13.55 8.60
N VAL B 147 12.05 14.06 8.46
CA VAL B 147 11.79 15.44 8.05
C VAL B 147 11.28 16.20 9.26
N GLN B 148 11.90 17.33 9.55
CA GLN B 148 11.46 18.22 10.62
C GLN B 148 11.11 19.56 9.99
N TRP B 149 9.82 19.93 10.01
CA TRP B 149 9.42 21.27 9.56
C TRP B 149 9.64 22.28 10.67
N LYS B 150 10.11 23.46 10.28
CA LYS B 150 10.25 24.56 11.22
C LYS B 150 9.64 25.82 10.62
N VAL B 151 8.94 26.58 11.46
CA VAL B 151 8.31 27.83 11.04
C VAL B 151 8.76 28.87 12.05
N ASP B 152 9.55 29.84 11.59
CA ASP B 152 10.22 30.80 12.47
C ASP B 152 10.90 30.10 13.65
N ASN B 153 11.56 28.99 13.33
CA ASN B 153 12.34 28.18 14.26
C ASN B 153 11.49 27.45 15.28
N ALA B 154 10.19 27.36 15.08
CA ALA B 154 9.33 26.53 15.92
C ALA B 154 9.14 25.18 15.24
N LEU B 155 9.51 24.11 15.93
CA LEU B 155 9.36 22.77 15.40
C LEU B 155 7.89 22.42 15.23
N GLN B 156 7.50 22.03 14.02
CA GLN B 156 6.12 21.65 13.73
C GLN B 156 5.96 20.16 13.96
N SER B 157 4.87 19.78 14.64
CA SER B 157 4.60 18.37 14.88
C SER B 157 3.11 18.11 14.74
N GLY B 158 2.76 17.15 13.89
CA GLY B 158 1.39 16.73 13.73
C GLY B 158 0.61 17.45 12.65
N ASN B 159 1.19 18.46 12.00
CA ASN B 159 0.49 19.23 10.99
C ASN B 159 1.12 19.07 9.61
N SER B 160 1.81 17.95 9.39
CA SER B 160 2.36 17.62 8.08
C SER B 160 2.00 16.19 7.74
N GLN B 161 2.10 15.87 6.46
CA GLN B 161 1.87 14.52 5.96
C GLN B 161 2.96 14.19 4.95
N GLU B 162 3.35 12.92 4.89
CA GLU B 162 4.41 12.53 3.98
C GLU B 162 4.08 11.18 3.35
N SER B 163 4.68 10.93 2.19
CA SER B 163 4.60 9.60 1.60
C SER B 163 5.92 9.31 0.88
N VAL B 164 6.14 8.03 0.61
CA VAL B 164 7.41 7.53 0.10
C VAL B 164 7.13 6.65 -1.11
N THR B 165 7.95 6.78 -2.14
CA THR B 165 7.82 5.94 -3.32
C THR B 165 8.28 4.51 -3.01
N GLU B 166 7.89 3.60 -3.89
CA GLU B 166 8.48 2.27 -3.88
C GLU B 166 9.90 2.33 -4.41
N GLN B 167 10.69 1.31 -4.08
CA GLN B 167 12.09 1.28 -4.48
C GLN B 167 12.25 1.46 -5.99
N ASP B 168 13.14 2.36 -6.38
CA ASP B 168 13.31 2.67 -7.80
C ASP B 168 13.83 1.46 -8.57
N SER B 169 13.28 1.25 -9.76
CA SER B 169 13.62 0.08 -10.57
C SER B 169 15.04 0.17 -11.11
N LYS B 170 15.58 1.37 -11.28
CA LYS B 170 16.90 1.54 -11.86
C LYS B 170 18.01 1.64 -10.82
N ASP B 171 17.82 2.45 -9.77
CA ASP B 171 18.89 2.67 -8.80
C ASP B 171 18.56 2.22 -7.38
N SER B 172 17.39 1.62 -7.16
CA SER B 172 17.02 1.00 -5.89
C SER B 172 16.94 1.99 -4.72
N THR B 173 16.75 3.28 -5.01
CA THR B 173 16.59 4.28 -3.97
C THR B 173 15.11 4.52 -3.67
N TYR B 174 14.87 5.29 -2.61
CA TYR B 174 13.55 5.78 -2.25
C TYR B 174 13.52 7.30 -2.40
N SER B 175 12.32 7.84 -2.53
CA SER B 175 12.13 9.29 -2.47
C SER B 175 10.94 9.58 -1.57
N LEU B 176 10.92 10.77 -0.99
CA LEU B 176 9.92 11.13 0.00
C LEU B 176 9.43 12.55 -0.27
N SER B 177 8.13 12.76 -0.13
CA SER B 177 7.51 14.06 -0.26
C SER B 177 6.77 14.36 1.03
N SER B 178 6.96 15.56 1.58
CA SER B 178 6.28 15.98 2.81
C SER B 178 5.60 17.31 2.56
N THR B 179 4.34 17.43 2.97
CA THR B 179 3.56 18.66 2.81
C THR B 179 3.21 19.20 4.18
N LEU B 180 3.56 20.45 4.43
CA LEU B 180 3.12 21.21 5.59
C LEU B 180 2.00 22.13 5.13
N THR B 181 0.85 22.07 5.79
CA THR B 181 -0.32 22.82 5.34
C THR B 181 -0.70 23.82 6.41
N LEU B 182 -0.95 25.06 5.99
CA LEU B 182 -1.29 26.18 6.85
C LEU B 182 -2.36 27.00 6.14
N SER B 183 -3.23 27.62 6.93
CA SER B 183 -4.10 28.63 6.35
C SER B 183 -3.25 29.74 5.75
N LYS B 184 -3.81 30.41 4.74
CA LYS B 184 -3.14 31.58 4.19
C LYS B 184 -2.86 32.61 5.28
N ALA B 185 -3.81 32.81 6.20
CA ALA B 185 -3.62 33.79 7.26
C ALA B 185 -2.45 33.42 8.15
N ASP B 186 -2.34 32.14 8.53
CA ASP B 186 -1.22 31.72 9.37
C ASP B 186 0.09 31.74 8.60
N TYR B 187 0.05 31.36 7.32
CA TYR B 187 1.25 31.42 6.48
C TYR B 187 1.81 32.83 6.44
N GLU B 188 0.94 33.83 6.34
CA GLU B 188 1.40 35.21 6.23
C GLU B 188 1.85 35.80 7.55
N LYS B 189 1.65 35.10 8.67
CA LYS B 189 2.11 35.57 9.98
C LYS B 189 3.56 35.22 10.27
N HIS B 190 4.20 34.40 9.43
CA HIS B 190 5.54 33.91 9.72
C HIS B 190 6.45 34.17 8.51
N LYS B 191 7.75 34.13 8.76
CA LYS B 191 8.74 34.50 7.75
C LYS B 191 9.54 33.29 7.24
N VAL B 192 10.19 32.55 8.13
CA VAL B 192 11.18 31.54 7.74
C VAL B 192 10.53 30.16 7.76
N TYR B 193 10.51 29.51 6.60
CA TYR B 193 9.99 28.16 6.44
C TYR B 193 11.14 27.24 6.10
N ALA B 194 11.32 26.19 6.90
CA ALA B 194 12.49 25.33 6.76
C ALA B 194 12.10 23.87 6.84
N CYS B 195 12.74 23.07 6.00
CA CYS B 195 12.66 21.62 6.03
C CYS B 195 14.03 21.10 6.45
N GLU B 196 14.10 20.42 7.59
CA GLU B 196 15.35 19.87 8.10
C GLU B 196 15.34 18.36 7.96
N VAL B 197 16.35 17.82 7.28
CA VAL B 197 16.36 16.41 6.90
C VAL B 197 17.50 15.71 7.60
N THR B 198 17.18 14.62 8.30
CA THR B 198 18.15 13.76 8.96
C THR B 198 18.14 12.41 8.24
N HIS B 199 19.33 11.91 7.91
CA HIS B 199 19.46 10.62 7.26
C HIS B 199 20.85 10.09 7.58
N GLN B 200 20.97 8.76 7.69
CA GLN B 200 22.25 8.20 8.11
C GLN B 200 23.37 8.49 7.12
N GLY B 201 23.03 8.79 5.87
CA GLY B 201 24.04 9.17 4.88
C GLY B 201 24.53 10.60 4.96
N LEU B 202 23.91 11.42 5.80
CA LEU B 202 24.28 12.81 5.98
C LEU B 202 25.07 12.96 7.28
N SER B 203 26.26 13.56 7.20
CA SER B 203 27.06 13.73 8.41
C SER B 203 26.34 14.61 9.43
N SER B 204 25.57 15.57 8.96
CA SER B 204 24.73 16.39 9.83
C SER B 204 23.48 16.76 9.06
N PRO B 205 22.41 17.15 9.75
CA PRO B 205 21.14 17.41 9.05
C PRO B 205 21.27 18.50 8.00
N VAL B 206 20.51 18.34 6.92
CA VAL B 206 20.47 19.29 5.82
C VAL B 206 19.17 20.08 5.92
N THR B 207 19.27 21.41 5.92
CA THR B 207 18.11 22.27 6.00
C THR B 207 17.97 23.07 4.70
N LYS B 208 16.79 23.03 4.10
CA LYS B 208 16.45 23.90 2.99
C LYS B 208 15.35 24.84 3.46
N SER B 209 15.49 26.11 3.15
CA SER B 209 14.56 27.08 3.71
C SER B 209 14.31 28.21 2.73
N PHE B 210 13.24 28.95 2.97
CA PHE B 210 12.99 30.19 2.25
C PHE B 210 12.37 31.18 3.21
N ASN B 211 12.48 32.45 2.85
CA ASN B 211 11.81 33.55 3.54
C ASN B 211 10.60 33.94 2.71
N ARG B 212 9.42 33.91 3.33
CA ARG B 212 8.19 34.22 2.62
C ARG B 212 8.26 35.61 2.01
N GLY B 213 7.97 35.70 0.72
CA GLY B 213 7.95 36.96 0.03
C GLY B 213 9.26 37.41 -0.59
N GLU B 214 10.28 36.56 -0.58
CA GLU B 214 11.57 36.93 -1.18
C GLU B 214 11.80 36.19 -2.50
N GLU C 5 -5.21 -32.78 -7.31
CA GLU C 5 -5.06 -31.59 -6.46
C GLU C 5 -4.80 -32.00 -5.02
N THR C 6 -4.24 -31.07 -4.25
CA THR C 6 -3.88 -31.34 -2.86
C THR C 6 -5.13 -31.46 -1.99
N ILE C 7 -5.16 -32.48 -1.15
CA ILE C 7 -6.18 -32.61 -0.10
C ILE C 7 -5.52 -32.28 1.23
N TYR C 8 -6.01 -31.24 1.91
CA TYR C 8 -5.45 -30.77 3.17
C TYR C 8 -6.18 -31.41 4.35
N ASN C 9 -5.53 -31.37 5.51
CA ASN C 9 -6.19 -31.78 6.75
C ASN C 9 -7.26 -30.76 7.14
N THR C 10 -8.37 -31.26 7.69
CA THR C 10 -9.37 -30.36 8.25
C THR C 10 -8.91 -29.86 9.62
N THR C 11 -9.02 -28.54 9.83
CA THR C 11 -8.65 -27.92 11.10
C THR C 11 -9.81 -27.30 11.82
N LEU C 12 -10.99 -27.26 11.19
CA LEU C 12 -12.19 -26.72 11.81
C LEU C 12 -13.35 -27.54 11.26
N LYS C 13 -13.95 -28.38 12.10
CA LYS C 13 -14.97 -29.30 11.61
C LYS C 13 -16.27 -28.56 11.32
N TYR C 14 -17.05 -29.11 10.39
CA TYR C 14 -18.41 -28.62 10.22
C TYR C 14 -19.24 -28.90 11.47
N GLY C 15 -20.27 -28.10 11.66
CA GLY C 15 -21.22 -28.32 12.75
C GLY C 15 -21.96 -29.65 12.70
#